data_6V4Q
#
_entry.id   6V4Q
#
_cell.length_a   63.980
_cell.length_b   73.120
_cell.length_c   105.160
_cell.angle_alpha   90.000
_cell.angle_beta   90.000
_cell.angle_gamma   90.000
#
_symmetry.space_group_name_H-M   'P 21 21 21'
#
loop_
_entity.id
_entity.type
_entity.pdbx_description
1 polymer 'Naive-1 Fab heavy chain'
2 polymer 'Naive-1 Fab light chain'
3 non-polymer GLYCEROL
4 non-polymer 'ISOPROPYL ALCOHOL'
5 water water
#
loop_
_entity_poly.entity_id
_entity_poly.type
_entity_poly.pdbx_seq_one_letter_code
_entity_poly.pdbx_strand_id
1 'polypeptide(L)'
;EVQLVESGGVVVQPGGSLRLSCAASGFTFDDYGMSWVRQAPGKGLEWVSLISWDGGSTYYADSVKGRFTISRDNSKNSLY
LQMSSLRAEDTALYYCASIAAAGSFYYYYYMDVWGKGTTVTVSSASFKGPSVFPLAPSSKSTSGGTAALGCLVKDYFPEP
VTVSWNSGALTSGVHTFPAVLQSSGLYSLSSVVTVPSSSLGTQTYICNVNHKPSNTKVDKKVEPKSC
;
H
2 'polypeptide(L)'
;DIQMTQSPSSLSASVGDRVTITCQASQVISNYLNWYQQKPGKAPKLLIYDTSNLKTGVPSRFSGSGSGTDFTFTISSLQP
EDIATYYCQQYENLQFTFGPGTKVDIKRTVAAPSVFIFPPSDEQLKSGTASVVCLLNNFYPREAKVQWKVDNALQSGNSQ
ESVTEQDSKDSTYSLSSTLTLSKADYEKHKVYACEVTHQGLSSPVTKSFNRGEC
;
L
#
loop_
_chem_comp.id
_chem_comp.type
_chem_comp.name
_chem_comp.formula
GOL non-polymer GLYCEROL 'C3 H8 O3'
IPA non-polymer 'ISOPROPYL ALCOHOL' 'C3 H8 O'
#
# COMPACT_ATOMS: atom_id res chain seq x y z
N GLU A 1 7.66 -22.65 18.10
CA GLU A 1 8.05 -21.78 16.99
C GLU A 1 8.53 -20.44 17.58
N VAL A 2 9.59 -19.93 16.99
CA VAL A 2 10.06 -18.55 17.29
C VAL A 2 8.99 -17.60 16.77
N GLN A 3 8.60 -16.63 17.58
CA GLN A 3 7.60 -15.67 17.10
C GLN A 3 7.72 -14.35 17.88
N LEU A 4 7.33 -13.29 17.17
CA LEU A 4 7.13 -11.95 17.75
C LEU A 4 5.70 -11.51 17.37
N VAL A 5 4.99 -10.97 18.32
CA VAL A 5 3.59 -10.52 18.14
C VAL A 5 3.42 -9.09 18.66
N GLU A 6 3.17 -8.17 17.75
CA GLU A 6 2.89 -6.75 18.09
C GLU A 6 1.40 -6.54 18.38
N SER A 7 1.16 -5.59 19.25
CA SER A 7 -0.22 -5.16 19.54
C SER A 7 -0.22 -3.74 20.04
N GLY A 8 -1.41 -3.16 20.12
CA GLY A 8 -1.61 -1.82 20.70
C GLY A 8 -1.90 -0.76 19.67
N GLY A 9 -1.75 -1.01 18.39
CA GLY A 9 -1.98 0.00 17.36
C GLY A 9 -3.48 0.30 17.28
N VAL A 10 -3.85 1.55 17.50
CA VAL A 10 -5.24 2.03 17.46
C VAL A 10 -5.20 3.44 16.89
N VAL A 11 -6.39 4.02 16.75
CA VAL A 11 -6.54 5.46 16.44
C VAL A 11 -6.11 6.24 17.67
N VAL A 12 -5.36 7.28 17.45
CA VAL A 12 -4.89 8.17 18.52
C VAL A 12 -4.88 9.59 17.98
N GLN A 13 -5.26 10.55 18.83
CA GLN A 13 -5.30 11.94 18.39
C GLN A 13 -3.91 12.53 18.19
N PRO A 14 -3.74 13.45 17.23
CA PRO A 14 -2.53 14.23 17.14
C PRO A 14 -2.22 14.88 18.48
N GLY A 15 -0.94 14.82 18.85
CA GLY A 15 -0.47 15.34 20.15
C GLY A 15 -0.55 14.30 21.22
N GLY A 16 -1.19 13.16 20.97
CA GLY A 16 -1.45 12.14 21.98
C GLY A 16 -0.28 11.20 22.17
N SER A 17 -0.56 10.21 23.01
CA SER A 17 0.41 9.19 23.46
C SER A 17 -0.23 7.83 23.26
N LEU A 18 0.63 6.84 23.03
CA LEU A 18 0.19 5.44 22.84
C LEU A 18 1.39 4.53 23.14
N ARG A 19 1.12 3.40 23.75
CA ARG A 19 2.18 2.39 24.00
C ARG A 19 1.89 1.14 23.18
N LEU A 20 2.87 0.73 22.38
CA LEU A 20 2.81 -0.55 21.66
C LEU A 20 3.55 -1.61 22.45
N SER A 21 3.15 -2.84 22.25
CA SER A 21 3.80 -4.02 22.84
C SER A 21 4.20 -4.96 21.74
N CYS A 22 5.20 -5.80 22.07
CA CYS A 22 5.70 -6.90 21.24
C CYS A 22 6.03 -8.07 22.15
N ALA A 23 5.32 -9.15 22.01
CA ALA A 23 5.52 -10.35 22.85
C ALA A 23 6.41 -11.33 22.10
N ALA A 24 7.41 -11.85 22.77
CA ALA A 24 8.37 -12.80 22.19
C ALA A 24 8.09 -14.20 22.74
N SER A 25 8.21 -15.17 21.88
CA SER A 25 8.06 -16.57 22.31
C SER A 25 8.98 -17.43 21.47
N GLY A 26 9.41 -18.56 22.10
CA GLY A 26 10.12 -19.58 21.32
C GLY A 26 11.62 -19.41 21.28
N PHE A 27 12.16 -18.43 21.99
CA PHE A 27 13.62 -18.20 22.04
C PHE A 27 13.91 -17.49 23.34
N THR A 28 15.20 -17.42 23.65
CA THR A 28 15.68 -16.75 24.88
C THR A 28 15.71 -15.24 24.54
N PHE A 29 14.70 -14.55 25.01
CA PHE A 29 14.48 -13.13 24.63
C PHE A 29 15.66 -12.28 25.07
N ASP A 30 16.18 -12.54 26.26
CA ASP A 30 17.25 -11.67 26.80
C ASP A 30 18.64 -11.92 26.20
N ASP A 31 18.73 -12.82 25.24
CA ASP A 31 19.98 -12.96 24.47
C ASP A 31 20.03 -11.97 23.32
N TYR A 32 18.95 -11.23 23.03
CA TYR A 32 18.89 -10.44 21.78
C TYR A 32 18.52 -9.00 22.08
N GLY A 33 19.19 -8.09 21.37
CA GLY A 33 18.64 -6.74 21.17
C GLY A 33 17.40 -6.81 20.30
N MET A 34 16.63 -5.74 20.35
CA MET A 34 15.38 -5.66 19.59
C MET A 34 15.28 -4.32 18.89
N SER A 35 14.53 -4.31 17.78
CA SER A 35 14.28 -3.15 16.91
CA SER A 35 14.27 -3.09 16.98
C SER A 35 12.77 -2.89 16.76
N TRP A 36 12.39 -1.65 16.61
CA TRP A 36 11.11 -1.26 15.98
C TRP A 36 11.39 -0.67 14.60
N VAL A 37 10.63 -1.11 13.61
CA VAL A 37 10.72 -0.62 12.20
C VAL A 37 9.31 -0.30 11.78
N ARG A 38 9.08 0.80 11.11
CA ARG A 38 7.70 1.15 10.71
C ARG A 38 7.61 1.35 9.22
N GLN A 39 6.38 1.37 8.72
CA GLN A 39 6.10 1.55 7.28
C GLN A 39 4.83 2.39 7.16
N ALA A 40 4.98 3.61 6.72
CA ALA A 40 3.82 4.47 6.47
C ALA A 40 3.11 3.97 5.22
N PRO A 41 1.79 4.24 5.07
CA PRO A 41 1.07 3.75 3.90
C PRO A 41 1.68 4.18 2.56
N GLY A 42 1.93 3.14 1.78
CA GLY A 42 2.51 3.26 0.44
C GLY A 42 4.01 3.57 0.45
N LYS A 43 4.68 3.63 1.63
CA LYS A 43 6.09 4.09 1.73
C LYS A 43 7.02 2.91 2.06
N GLY A 44 8.31 3.22 2.15
CA GLY A 44 9.33 2.21 2.43
C GLY A 44 9.50 1.92 3.91
N LEU A 45 10.37 0.98 4.23
CA LEU A 45 10.67 0.66 5.63
C LEU A 45 11.53 1.76 6.26
N GLU A 46 11.21 2.12 7.49
CA GLU A 46 11.92 3.15 8.24
C GLU A 46 12.25 2.57 9.61
N TRP A 47 13.53 2.28 9.88
CA TRP A 47 13.94 1.90 11.23
C TRP A 47 13.72 3.06 12.18
N VAL A 48 13.17 2.79 13.38
CA VAL A 48 12.94 3.90 14.33
C VAL A 48 13.64 3.76 15.67
N SER A 49 13.81 2.55 16.22
CA SER A 49 14.45 2.46 17.56
C SER A 49 15.05 1.08 17.77
N LEU A 50 16.04 1.01 18.69
CA LEU A 50 16.59 -0.29 19.10
C LEU A 50 16.93 -0.25 20.58
N ILE A 51 17.04 -1.43 21.16
CA ILE A 51 17.37 -1.59 22.60
C ILE A 51 18.27 -2.80 22.73
N SER A 52 19.26 -2.67 23.59
CA SER A 52 20.17 -3.79 23.92
C SER A 52 19.47 -4.85 24.78
N TRP A 53 20.13 -5.98 24.95
CA TRP A 53 19.58 -7.18 25.63
C TRP A 53 18.97 -6.88 27.00
N ASP A 54 19.62 -6.02 27.77
CA ASP A 54 19.16 -5.73 29.16
C ASP A 54 18.53 -4.36 29.26
N GLY A 55 18.34 -3.67 28.15
CA GLY A 55 17.76 -2.32 28.23
C GLY A 55 18.79 -1.25 28.58
N GLY A 56 20.06 -1.59 28.71
CA GLY A 56 21.10 -0.65 29.17
C GLY A 56 21.47 0.37 28.12
N SER A 57 21.16 0.12 26.84
CA SER A 57 21.47 1.04 25.71
C SER A 57 20.22 1.14 24.85
N THR A 58 19.94 2.33 24.37
CA THR A 58 18.79 2.56 23.47
C THR A 58 19.28 3.51 22.41
N TYR A 59 18.67 3.44 21.24
CA TYR A 59 18.98 4.36 20.15
C TYR A 59 17.72 4.63 19.35
N TYR A 60 17.69 5.78 18.71
CA TYR A 60 16.50 6.27 17.98
C TYR A 60 16.89 6.91 16.65
N ALA A 61 16.01 6.83 15.66
CA ALA A 61 16.08 7.64 14.45
C ALA A 61 15.75 9.08 14.81
N ASP A 62 16.33 9.99 14.05
CA ASP A 62 16.14 11.44 14.33
C ASP A 62 14.65 11.80 14.19
N SER A 63 13.91 11.07 13.35
CA SER A 63 12.47 11.32 13.12
C SER A 63 11.64 11.13 14.38
N VAL A 64 12.10 10.35 15.35
CA VAL A 64 11.30 10.07 16.57
C VAL A 64 12.01 10.42 17.87
N LYS A 65 13.30 10.75 17.81
CA LYS A 65 14.04 11.01 19.06
C LYS A 65 13.39 12.16 19.83
N GLY A 66 13.28 11.96 21.13
CA GLY A 66 12.67 12.97 22.03
C GLY A 66 11.19 12.79 22.17
N ARG A 67 10.57 11.96 21.34
CA ARG A 67 9.12 11.70 21.43
C ARG A 67 8.84 10.23 21.79
N PHE A 68 9.67 9.29 21.34
CA PHE A 68 9.43 7.84 21.53
C PHE A 68 10.42 7.34 22.55
N THR A 69 10.03 6.37 23.34
CA THR A 69 10.89 5.66 24.30
C THR A 69 10.72 4.17 24.11
N ILE A 70 11.81 3.47 23.83
CA ILE A 70 11.82 2.00 23.75
C ILE A 70 12.17 1.44 25.14
N SER A 71 11.56 0.35 25.51
CA SER A 71 11.85 -0.33 26.79
C SER A 71 11.55 -1.80 26.64
N ARG A 72 12.00 -2.62 27.59
CA ARG A 72 11.66 -4.04 27.59
C ARG A 72 11.51 -4.53 29.04
N ASP A 73 10.77 -5.61 29.17
CA ASP A 73 10.64 -6.31 30.47
C ASP A 73 10.94 -7.77 30.17
N ASN A 74 12.18 -8.17 30.46
CA ASN A 74 12.63 -9.52 30.10
C ASN A 74 11.85 -10.59 30.90
N SER A 75 11.41 -10.23 32.12
CA SER A 75 10.60 -11.19 32.95
C SER A 75 9.28 -11.52 32.25
N LYS A 76 8.78 -10.65 31.36
CA LYS A 76 7.50 -10.80 30.66
C LYS A 76 7.70 -11.08 29.17
N ASN A 77 8.93 -11.28 28.75
CA ASN A 77 9.20 -11.56 27.31
C ASN A 77 8.60 -10.46 26.43
N SER A 78 8.65 -9.20 26.90
CA SER A 78 7.93 -8.09 26.22
C SER A 78 8.89 -6.96 25.89
N LEU A 79 8.64 -6.40 24.69
CA LEU A 79 9.25 -5.16 24.21
C LEU A 79 8.14 -4.10 24.06
N TYR A 80 8.46 -2.86 24.40
CA TYR A 80 7.44 -1.78 24.33
C TYR A 80 8.00 -0.61 23.54
N LEU A 81 7.08 0.15 22.98
CA LEU A 81 7.39 1.48 22.36
C LEU A 81 6.38 2.47 22.91
N GLN A 82 6.84 3.42 23.72
CA GLN A 82 5.97 4.51 24.22
C GLN A 82 6.11 5.64 23.25
N MET A 83 5.02 6.05 22.64
CA MET A 83 5.01 7.17 21.72
C MET A 83 4.29 8.33 22.38
N SER A 84 4.74 9.52 22.09
CA SER A 84 4.15 10.76 22.63
C SER A 84 4.28 11.81 21.54
N SER A 85 3.58 12.92 21.76
CA SER A 85 3.57 14.07 20.83
C SER A 85 3.36 13.53 19.42
N LEU A 86 2.34 12.68 19.27
CA LEU A 86 2.17 12.01 17.95
C LEU A 86 1.75 12.96 16.84
N ARG A 87 2.20 12.70 15.63
CA ARG A 87 2.00 13.50 14.43
C ARG A 87 1.33 12.67 13.37
N ALA A 88 0.65 13.29 12.42
CA ALA A 88 0.05 12.56 11.30
C ALA A 88 1.06 11.63 10.63
N GLU A 89 2.32 12.05 10.47
CA GLU A 89 3.36 11.31 9.75
C GLU A 89 3.86 10.09 10.57
N ASP A 90 3.43 9.92 11.81
CA ASP A 90 3.67 8.69 12.60
C ASP A 90 2.67 7.58 12.27
N THR A 91 1.65 7.84 11.47
CA THR A 91 0.69 6.86 11.03
C THR A 91 1.42 5.78 10.23
N ALA A 92 1.39 4.53 10.65
CA ALA A 92 2.23 3.50 10.03
C ALA A 92 1.88 2.15 10.60
N LEU A 93 2.33 1.11 9.89
CA LEU A 93 2.45 -0.25 10.45
C LEU A 93 3.77 -0.35 11.21
N TYR A 94 3.73 -0.77 12.46
CA TYR A 94 4.91 -0.88 13.32
C TYR A 94 5.22 -2.34 13.53
N TYR A 95 6.42 -2.73 13.12
CA TYR A 95 6.98 -4.06 13.27
C TYR A 95 8.02 -4.05 14.39
N CYS A 96 8.03 -5.17 15.12
CA CYS A 96 9.21 -5.46 15.97
CA CYS A 96 9.10 -5.57 16.04
C CYS A 96 10.01 -6.57 15.30
N ALA A 97 11.33 -6.52 15.53
CA ALA A 97 12.30 -7.44 14.93
C ALA A 97 13.40 -7.71 15.91
N SER A 98 13.85 -8.95 15.98
CA SER A 98 15.03 -9.29 16.79
C SER A 98 16.32 -8.93 16.07
N ILE A 99 17.31 -8.53 16.83
CA ILE A 99 18.66 -8.24 16.29
C ILE A 99 19.55 -9.45 16.53
N ALA A 100 19.84 -10.21 15.50
CA ALA A 100 20.87 -11.25 15.59
C ALA A 100 22.22 -10.56 15.61
N ALA A 101 23.13 -11.06 16.43
CA ALA A 101 24.55 -10.61 16.51
C ALA A 101 25.47 -11.76 16.14
N ALA A 102 26.52 -11.43 15.40
CA ALA A 102 27.48 -12.42 14.88
C ALA A 102 28.79 -11.74 14.57
N GLY A 103 29.72 -12.53 14.04
CA GLY A 103 31.04 -12.02 13.71
C GLY A 103 31.89 -11.73 14.95
N SER A 104 32.97 -11.01 14.69
CA SER A 104 33.97 -10.78 15.75
C SER A 104 33.31 -10.08 16.93
N PHE A 105 33.43 -10.68 18.11
CA PHE A 105 32.95 -10.10 19.38
C PHE A 105 31.45 -9.82 19.34
N TYR A 106 30.71 -10.48 18.45
CA TYR A 106 29.25 -10.29 18.30
C TYR A 106 28.94 -8.82 18.04
N TYR A 107 29.77 -8.14 17.26
CA TYR A 107 29.47 -6.73 16.99
CA TYR A 107 29.62 -6.72 16.88
C TYR A 107 28.60 -6.52 15.74
N TYR A 108 28.32 -7.59 14.98
CA TYR A 108 27.72 -7.39 13.63
C TYR A 108 26.27 -7.86 13.59
N TYR A 109 25.40 -7.09 12.95
CA TYR A 109 23.93 -7.24 13.14
C TYR A 109 23.15 -7.49 11.87
N TYR A 110 22.05 -8.26 12.07
CA TYR A 110 20.99 -8.40 11.06
C TYR A 110 19.69 -8.63 11.80
N MET A 111 18.59 -8.29 11.14
CA MET A 111 17.23 -8.46 11.75
C MET A 111 16.57 -9.67 11.11
N ASP A 112 16.52 -10.74 11.89
CA ASP A 112 16.16 -12.05 11.30
CA ASP A 112 16.22 -12.10 11.53
C ASP A 112 14.70 -12.40 11.61
N VAL A 113 14.18 -12.16 12.77
CA VAL A 113 12.78 -12.52 13.11
C VAL A 113 11.97 -11.23 13.17
N TRP A 114 10.82 -11.25 12.53
CA TRP A 114 9.88 -10.12 12.43
C TRP A 114 8.51 -10.58 12.86
N GLY A 115 7.75 -9.68 13.47
CA GLY A 115 6.33 -9.88 13.68
C GLY A 115 5.53 -9.52 12.47
N LYS A 116 4.22 -9.53 12.60
CA LYS A 116 3.27 -9.19 11.51
C LYS A 116 2.87 -7.71 11.55
N GLY A 117 3.18 -7.00 12.62
CA GLY A 117 2.93 -5.55 12.73
C GLY A 117 1.66 -5.21 13.45
N THR A 118 1.61 -3.99 13.95
CA THR A 118 0.39 -3.38 14.51
C THR A 118 0.23 -2.00 13.89
N THR A 119 -1.00 -1.56 13.65
CA THR A 119 -1.27 -0.35 12.88
C THR A 119 -1.63 0.82 13.77
N VAL A 120 -0.91 1.91 13.65
CA VAL A 120 -1.17 3.15 14.39
C VAL A 120 -1.75 4.16 13.43
N THR A 121 -2.88 4.77 13.78
CA THR A 121 -3.56 5.78 12.94
C THR A 121 -3.66 7.06 13.76
N VAL A 122 -2.89 8.07 13.40
CA VAL A 122 -2.90 9.36 14.10
C VAL A 122 -3.89 10.24 13.37
N SER A 123 -5.01 10.54 14.03
CA SER A 123 -6.12 11.28 13.40
C SER A 123 -7.03 11.83 14.48
N SER A 124 -7.65 12.98 14.20
CA SER A 124 -8.74 13.44 15.13
CA SER A 124 -8.74 13.58 15.02
C SER A 124 -10.11 13.05 14.58
N ALA A 125 -10.21 12.24 13.55
CA ALA A 125 -11.56 11.84 13.04
C ALA A 125 -12.21 10.93 14.05
N SER A 126 -13.53 10.96 14.08
CA SER A 126 -14.34 9.99 14.83
C SER A 126 -15.02 8.99 13.93
N PHE A 127 -15.60 7.96 14.50
CA PHE A 127 -16.10 6.83 13.70
C PHE A 127 -17.15 7.32 12.70
N LYS A 128 -17.18 6.72 11.52
CA LYS A 128 -18.22 7.00 10.51
C LYS A 128 -18.35 5.82 9.58
N GLY A 129 -19.56 5.32 9.42
CA GLY A 129 -19.82 4.26 8.46
C GLY A 129 -19.94 4.87 7.07
N PRO A 130 -19.63 4.05 6.06
CA PRO A 130 -19.63 4.53 4.69
C PRO A 130 -21.03 4.82 4.15
N SER A 131 -21.01 5.73 3.21
CA SER A 131 -22.12 5.90 2.25
C SER A 131 -21.79 5.07 1.01
N VAL A 132 -22.66 4.24 0.48
CA VAL A 132 -22.36 3.31 -0.62
C VAL A 132 -23.16 3.78 -1.83
N PHE A 133 -22.48 4.34 -2.81
CA PHE A 133 -23.12 4.95 -4.00
C PHE A 133 -22.86 4.08 -5.21
N PRO A 134 -23.80 4.01 -6.14
CA PRO A 134 -23.63 3.17 -7.31
C PRO A 134 -22.67 3.79 -8.34
N LEU A 135 -21.88 2.92 -8.95
CA LEU A 135 -21.16 3.24 -10.22
C LEU A 135 -21.93 2.47 -11.29
N ALA A 136 -22.94 3.18 -11.85
CA ALA A 136 -23.95 2.47 -12.65
C ALA A 136 -23.36 2.11 -14.00
N PRO A 137 -23.72 0.95 -14.55
CA PRO A 137 -23.27 0.58 -15.90
C PRO A 137 -23.90 1.52 -16.92
N SER A 138 -23.06 1.95 -17.86
CA SER A 138 -23.41 2.94 -18.92
C SER A 138 -24.49 2.37 -19.82
N SER A 139 -25.31 3.28 -20.36
CA SER A 139 -26.41 3.06 -21.34
C SER A 139 -25.91 3.19 -22.79
N GLY A 145 -20.76 -6.84 -25.81
CA GLY A 145 -19.39 -6.81 -25.24
C GLY A 145 -19.42 -6.74 -23.72
N THR A 146 -18.55 -5.89 -23.16
CA THR A 146 -18.20 -5.84 -21.71
C THR A 146 -18.60 -4.49 -21.13
N ALA A 147 -19.32 -4.54 -20.01
CA ALA A 147 -19.77 -3.35 -19.26
C ALA A 147 -18.98 -3.34 -17.94
N ALA A 148 -18.86 -2.16 -17.38
CA ALA A 148 -18.29 -2.02 -16.02
C ALA A 148 -19.33 -1.37 -15.12
N LEU A 149 -19.33 -1.84 -13.87
CA LEU A 149 -20.19 -1.25 -12.82
C LEU A 149 -19.44 -1.39 -11.50
N GLY A 150 -19.96 -0.77 -10.45
CA GLY A 150 -19.26 -0.86 -9.16
C GLY A 150 -20.00 -0.17 -8.05
N CYS A 151 -19.29 -0.06 -6.94
CA CYS A 151 -19.77 0.66 -5.75
C CYS A 151 -18.68 1.62 -5.31
N LEU A 152 -19.06 2.85 -4.97
CA LEU A 152 -18.19 3.87 -4.37
C LEU A 152 -18.50 3.86 -2.88
N VAL A 153 -17.54 3.45 -2.07
CA VAL A 153 -17.69 3.29 -0.61
C VAL A 153 -17.03 4.51 0.01
N LYS A 154 -17.83 5.54 0.23
CA LYS A 154 -17.30 6.88 0.51
C LYS A 154 -17.48 7.29 1.98
N ASP A 155 -16.46 7.97 2.47
CA ASP A 155 -16.55 8.75 3.71
C ASP A 155 -16.71 7.85 4.94
N TYR A 156 -15.76 6.98 5.19
CA TYR A 156 -15.78 6.13 6.39
C TYR A 156 -14.50 6.40 7.18
N PHE A 157 -14.55 6.00 8.45
CA PHE A 157 -13.36 6.10 9.32
C PHE A 157 -13.58 5.18 10.49
N PRO A 158 -12.55 4.44 10.96
CA PRO A 158 -11.25 4.22 10.35
C PRO A 158 -11.30 3.06 9.35
N GLU A 159 -10.14 2.68 8.83
CA GLU A 159 -10.01 1.41 8.11
C GLU A 159 -10.28 0.24 9.04
N PRO A 160 -10.67 -0.93 8.51
CA PRO A 160 -10.91 -1.22 7.10
C PRO A 160 -12.38 -1.44 6.78
N VAL A 161 -12.67 -1.54 5.49
CA VAL A 161 -13.97 -2.05 5.00
C VAL A 161 -13.72 -3.33 4.25
N THR A 162 -14.71 -4.18 4.21
CA THR A 162 -14.67 -5.31 3.26
C THR A 162 -15.77 -5.15 2.24
N VAL A 163 -15.52 -5.62 1.04
CA VAL A 163 -16.49 -5.62 -0.07
C VAL A 163 -16.51 -6.98 -0.70
N SER A 164 -17.69 -7.55 -0.83
CA SER A 164 -17.93 -8.71 -1.70
C SER A 164 -19.01 -8.37 -2.71
N TRP A 165 -19.15 -9.21 -3.73
CA TRP A 165 -20.22 -9.07 -4.74
C TRP A 165 -21.09 -10.32 -4.72
N ASN A 166 -22.38 -10.11 -4.70
CA ASN A 166 -23.36 -11.23 -4.75
C ASN A 166 -23.02 -12.25 -3.65
N SER A 167 -22.65 -11.75 -2.48
CA SER A 167 -22.45 -12.57 -1.27
C SER A 167 -21.26 -13.52 -1.48
N GLY A 168 -20.33 -13.18 -2.37
CA GLY A 168 -19.14 -13.98 -2.70
C GLY A 168 -19.30 -14.86 -3.88
N ALA A 169 -20.46 -14.89 -4.52
CA ALA A 169 -20.68 -15.72 -5.72
C ALA A 169 -20.03 -15.08 -6.96
N LEU A 170 -19.76 -13.78 -6.94
CA LEU A 170 -19.15 -13.06 -8.08
C LEU A 170 -17.74 -12.65 -7.68
N THR A 171 -16.72 -13.27 -8.28
CA THR A 171 -15.30 -12.95 -8.01
C THR A 171 -14.58 -12.62 -9.31
N SER A 172 -14.96 -13.21 -10.44
CA SER A 172 -14.25 -12.98 -11.72
CA SER A 172 -14.25 -12.98 -11.71
C SER A 172 -14.46 -11.54 -12.14
N GLY A 173 -13.40 -10.86 -12.49
CA GLY A 173 -13.48 -9.52 -13.07
C GLY A 173 -13.66 -8.46 -11.98
N VAL A 174 -13.63 -8.84 -10.71
CA VAL A 174 -13.76 -7.83 -9.62
C VAL A 174 -12.41 -7.21 -9.36
N HIS A 175 -12.42 -5.89 -9.16
CA HIS A 175 -11.23 -5.19 -8.66
C HIS A 175 -11.70 -4.28 -7.52
N THR A 176 -11.21 -4.59 -6.31
CA THR A 176 -11.46 -3.71 -5.18
C THR A 176 -10.18 -2.94 -4.93
N PHE A 177 -10.24 -1.60 -5.02
CA PHE A 177 -9.04 -0.76 -4.98
C PHE A 177 -8.62 -0.44 -3.56
N PRO A 178 -7.34 -0.12 -3.36
CA PRO A 178 -6.93 0.41 -2.06
C PRO A 178 -7.72 1.69 -1.76
N ALA A 179 -8.04 1.87 -0.48
CA ALA A 179 -8.65 3.15 -0.08
C ALA A 179 -7.70 4.31 -0.21
N VAL A 180 -8.25 5.47 -0.31
CA VAL A 180 -7.51 6.73 -0.26
C VAL A 180 -8.01 7.47 0.95
N LEU A 181 -7.13 8.23 1.58
CA LEU A 181 -7.46 9.11 2.70
C LEU A 181 -7.71 10.51 2.17
N GLN A 182 -8.91 10.99 2.30
CA GLN A 182 -9.33 12.31 1.80
C GLN A 182 -8.81 13.39 2.77
N SER A 183 -8.82 14.64 2.28
CA SER A 183 -8.36 15.79 3.10
C SER A 183 -9.33 16.04 4.24
N SER A 184 -10.57 15.50 4.22
CA SER A 184 -11.53 15.53 5.34
C SER A 184 -11.09 14.63 6.49
N GLY A 185 -10.14 13.72 6.26
CA GLY A 185 -9.76 12.74 7.28
C GLY A 185 -10.57 11.47 7.15
N LEU A 186 -11.49 11.37 6.17
CA LEU A 186 -12.26 10.16 5.96
C LEU A 186 -11.72 9.40 4.74
N TYR A 187 -11.87 8.11 4.74
CA TYR A 187 -11.43 7.23 3.64
C TYR A 187 -12.51 7.07 2.60
N SER A 188 -12.10 6.73 1.40
CA SER A 188 -13.00 6.33 0.30
CA SER A 188 -13.02 6.31 0.32
C SER A 188 -12.37 5.20 -0.48
N LEU A 189 -13.16 4.26 -0.93
CA LEU A 189 -12.68 3.13 -1.73
C LEU A 189 -13.68 2.86 -2.81
N SER A 190 -13.23 2.39 -3.98
CA SER A 190 -14.11 1.87 -5.02
C SER A 190 -13.90 0.38 -5.21
N SER A 191 -14.96 -0.31 -5.59
CA SER A 191 -14.90 -1.72 -6.03
C SER A 191 -15.69 -1.81 -7.32
N VAL A 192 -15.08 -2.40 -8.35
CA VAL A 192 -15.70 -2.51 -9.68
C VAL A 192 -15.72 -3.97 -10.13
N VAL A 193 -16.57 -4.20 -11.12
CA VAL A 193 -16.58 -5.50 -11.81
C VAL A 193 -16.93 -5.24 -13.27
N THR A 194 -16.25 -6.02 -14.14
CA THR A 194 -16.62 -6.07 -15.58
C THR A 194 -17.41 -7.33 -15.81
N VAL A 195 -18.55 -7.16 -16.53
CA VAL A 195 -19.52 -8.27 -16.79
C VAL A 195 -19.99 -8.16 -18.23
N PRO A 196 -20.62 -9.22 -18.77
CA PRO A 196 -21.17 -9.12 -20.12
C PRO A 196 -22.27 -8.05 -20.16
N SER A 197 -22.23 -7.16 -21.16
CA SER A 197 -23.32 -6.19 -21.39
C SER A 197 -24.65 -6.95 -21.51
N SER A 198 -24.66 -8.14 -22.10
CA SER A 198 -25.88 -8.99 -22.30
C SER A 198 -26.54 -9.29 -20.95
N SER A 199 -25.77 -9.34 -19.87
CA SER A 199 -26.28 -9.71 -18.53
C SER A 199 -27.00 -8.54 -17.85
N LEU A 200 -26.85 -7.29 -18.33
CA LEU A 200 -27.30 -6.11 -17.53
C LEU A 200 -28.82 -6.13 -17.35
N GLY A 201 -29.57 -6.71 -18.29
CA GLY A 201 -31.04 -6.78 -18.19
C GLY A 201 -31.51 -7.81 -17.16
N THR A 202 -30.72 -8.87 -16.95
CA THR A 202 -31.18 -10.10 -16.27
C THR A 202 -30.53 -10.25 -14.89
N GLN A 203 -29.19 -10.20 -14.84
CA GLN A 203 -28.36 -10.59 -13.67
C GLN A 203 -28.31 -9.44 -12.68
N THR A 204 -28.63 -9.74 -11.42
CA THR A 204 -28.55 -8.82 -10.25
C THR A 204 -27.08 -8.69 -9.83
N TYR A 205 -26.69 -7.46 -9.51
CA TYR A 205 -25.35 -7.15 -8.96
C TYR A 205 -25.54 -6.34 -7.67
N ILE A 206 -25.06 -6.92 -6.56
CA ILE A 206 -25.18 -6.34 -5.20
C ILE A 206 -23.79 -6.36 -4.60
N CYS A 207 -23.34 -5.18 -4.15
CA CYS A 207 -22.09 -5.15 -3.34
C CYS A 207 -22.44 -5.22 -1.86
N ASN A 208 -21.70 -6.06 -1.17
CA ASN A 208 -21.89 -6.29 0.27
C ASN A 208 -20.72 -5.62 1.00
N VAL A 209 -21.04 -4.55 1.70
CA VAL A 209 -20.04 -3.71 2.36
C VAL A 209 -20.16 -3.93 3.86
N ASN A 210 -19.06 -4.17 4.53
CA ASN A 210 -19.07 -4.26 6.02
C ASN A 210 -18.00 -3.32 6.57
N HIS A 211 -18.40 -2.50 7.52
CA HIS A 211 -17.49 -1.59 8.24
C HIS A 211 -17.61 -1.86 9.73
N LYS A 212 -16.80 -2.80 10.18
CA LYS A 212 -16.91 -3.22 11.61
C LYS A 212 -16.70 -2.08 12.60
N PRO A 213 -15.79 -1.12 12.39
CA PRO A 213 -15.60 -0.07 13.36
C PRO A 213 -16.78 0.83 13.63
N SER A 214 -17.79 0.80 12.77
CA SER A 214 -19.06 1.54 12.98
C SER A 214 -20.25 0.57 13.11
N ASN A 215 -20.01 -0.72 13.10
CA ASN A 215 -21.12 -1.70 13.14
C ASN A 215 -22.10 -1.47 11.98
N THR A 216 -21.58 -1.23 10.78
CA THR A 216 -22.38 -0.89 9.55
C THR A 216 -22.18 -2.02 8.56
N LYS A 217 -23.25 -2.72 8.21
CA LYS A 217 -23.34 -3.64 7.05
C LYS A 217 -24.32 -2.99 6.07
N VAL A 218 -23.95 -2.91 4.78
CA VAL A 218 -24.85 -2.39 3.73
C VAL A 218 -24.76 -3.33 2.54
N ASP A 219 -25.91 -3.65 1.97
CA ASP A 219 -26.02 -4.32 0.67
C ASP A 219 -26.55 -3.31 -0.35
N LYS A 220 -25.82 -3.05 -1.40
CA LYS A 220 -26.19 -2.02 -2.40
C LYS A 220 -26.37 -2.71 -3.75
N LYS A 221 -27.61 -2.68 -4.26
CA LYS A 221 -27.89 -3.15 -5.62
C LYS A 221 -27.52 -2.06 -6.60
N VAL A 222 -26.79 -2.44 -7.66
CA VAL A 222 -26.31 -1.49 -8.70
C VAL A 222 -26.96 -1.86 -10.04
N GLU A 223 -27.69 -0.91 -10.62
CA GLU A 223 -28.34 -1.16 -11.94
C GLU A 223 -28.11 0.02 -12.85
N PRO A 224 -28.46 -0.09 -14.15
CA PRO A 224 -28.57 1.09 -15.00
C PRO A 224 -29.46 2.20 -14.44
N LYS A 225 -29.07 3.45 -14.66
CA LYS A 225 -29.80 4.65 -14.19
C LYS A 225 -31.24 4.67 -14.73
N SER A 226 -32.18 5.11 -13.87
CA SER A 226 -33.60 5.37 -14.22
C SER A 226 -33.70 6.74 -14.90
N CYS A 227 -33.98 6.79 -16.20
CA CYS A 227 -34.04 8.06 -16.96
C CYS A 227 -35.49 8.46 -17.26
N GLN B 3 21.46 9.06 3.12
CA GLN B 3 21.18 9.15 1.66
C GLN B 3 21.59 7.85 0.94
N MET B 4 21.11 6.71 1.42
CA MET B 4 21.30 5.46 0.68
C MET B 4 20.53 5.55 -0.64
N THR B 5 21.00 4.83 -1.64
CA THR B 5 20.27 4.74 -2.91
C THR B 5 20.14 3.28 -3.30
N GLN B 6 19.12 3.01 -4.12
CA GLN B 6 18.97 1.74 -4.82
C GLN B 6 18.65 2.02 -6.27
N SER B 7 19.10 1.15 -7.15
CA SER B 7 18.92 1.33 -8.61
CA SER B 7 18.91 1.34 -8.62
C SER B 7 18.59 -0.01 -9.21
N PRO B 8 17.57 -0.12 -10.11
CA PRO B 8 16.62 0.95 -10.41
C PRO B 8 15.58 1.06 -9.29
N SER B 9 14.70 2.03 -9.33
CA SER B 9 13.61 2.14 -8.33
C SER B 9 12.54 1.09 -8.60
N SER B 10 12.34 0.68 -9.86
CA SER B 10 11.42 -0.40 -10.21
C SER B 10 11.93 -1.05 -11.50
N LEU B 11 11.59 -2.29 -11.64
CA LEU B 11 11.92 -3.01 -12.88
C LEU B 11 10.91 -4.12 -13.11
N SER B 12 10.78 -4.47 -14.37
CA SER B 12 9.91 -5.52 -14.90
C SER B 12 10.79 -6.61 -15.51
N ALA B 13 10.49 -7.82 -15.18
CA ALA B 13 11.22 -8.95 -15.80
C ALA B 13 10.27 -10.12 -15.99
N SER B 14 10.66 -10.97 -16.93
CA SER B 14 9.88 -12.19 -17.24
C SER B 14 10.31 -13.28 -16.31
N VAL B 15 9.47 -14.27 -16.05
CA VAL B 15 9.88 -15.49 -15.36
C VAL B 15 11.08 -16.13 -16.10
N GLY B 16 12.13 -16.41 -15.34
CA GLY B 16 13.39 -16.97 -15.89
C GLY B 16 14.43 -15.90 -16.20
N ASP B 17 14.13 -14.62 -16.17
CA ASP B 17 15.13 -13.58 -16.43
C ASP B 17 16.03 -13.38 -15.18
N ARG B 18 17.27 -12.99 -15.47
CA ARG B 18 18.21 -12.51 -14.44
C ARG B 18 17.78 -11.12 -14.00
N VAL B 19 17.72 -10.92 -12.69
CA VAL B 19 17.44 -9.58 -12.10
C VAL B 19 18.65 -9.15 -11.27
N THR B 20 19.09 -7.95 -11.51
CA THR B 20 20.23 -7.31 -10.82
C THR B 20 19.74 -5.99 -10.21
N ILE B 21 19.94 -5.82 -8.91
CA ILE B 21 19.48 -4.63 -8.16
C ILE B 21 20.72 -4.11 -7.42
N THR B 22 20.96 -2.83 -7.47
CA THR B 22 22.16 -2.27 -6.79
C THR B 22 21.77 -1.36 -5.64
N CYS B 23 22.69 -1.26 -4.67
CA CYS B 23 22.60 -0.40 -3.49
C CYS B 23 23.88 0.39 -3.32
N GLN B 24 23.72 1.61 -2.93
CA GLN B 24 24.88 2.43 -2.49
C GLN B 24 24.65 2.84 -1.04
N ALA B 25 25.53 2.35 -0.19
CA ALA B 25 25.48 2.66 1.25
C ALA B 25 25.87 4.13 1.40
N SER B 26 25.45 4.75 2.48
CA SER B 26 25.76 6.21 2.72
C SER B 26 27.13 6.44 3.33
N GLN B 27 27.81 5.41 3.76
CA GLN B 27 29.18 5.45 4.28
C GLN B 27 29.90 4.20 3.79
N VAL B 28 31.21 4.17 3.73
CA VAL B 28 31.99 2.95 3.61
C VAL B 28 31.55 1.96 4.69
N ILE B 29 31.11 0.77 4.35
CA ILE B 29 30.42 -0.07 5.36
C ILE B 29 31.42 -0.51 6.43
N SER B 30 30.95 -0.51 7.66
CA SER B 30 31.71 -0.96 8.83
C SER B 30 30.92 -1.97 9.64
N ASN B 31 29.67 -2.29 9.24
CA ASN B 31 28.90 -3.41 9.84
C ASN B 31 28.23 -4.13 8.68
N TYR B 32 27.37 -5.07 8.95
CA TYR B 32 26.81 -5.89 7.87
C TYR B 32 25.87 -5.09 6.95
N LEU B 33 25.95 -5.43 5.67
CA LEU B 33 24.99 -4.97 4.62
C LEU B 33 24.10 -6.14 4.27
N ASN B 34 22.79 -5.95 4.53
CA ASN B 34 21.81 -7.03 4.46
C ASN B 34 20.72 -6.65 3.44
N TRP B 35 20.07 -7.71 2.96
CA TRP B 35 18.98 -7.55 1.96
C TRP B 35 17.72 -8.29 2.41
N TYR B 36 16.61 -7.58 2.25
CA TYR B 36 15.27 -8.01 2.68
C TYR B 36 14.32 -8.01 1.50
N GLN B 37 13.36 -8.94 1.56
CA GLN B 37 12.24 -9.05 0.57
C GLN B 37 10.90 -8.77 1.26
N GLN B 38 10.09 -7.89 0.67
CA GLN B 38 8.75 -7.66 1.27
C GLN B 38 7.69 -7.80 0.16
N LYS B 39 6.79 -8.74 0.37
CA LYS B 39 5.70 -8.96 -0.59
C LYS B 39 4.52 -8.13 -0.21
N PRO B 40 3.61 -7.85 -1.21
CA PRO B 40 2.45 -7.03 -0.94
C PRO B 40 1.64 -7.62 0.22
N GLY B 41 1.40 -6.80 1.23
CA GLY B 41 0.59 -7.10 2.42
C GLY B 41 1.29 -7.99 3.43
N LYS B 42 2.60 -8.22 3.31
CA LYS B 42 3.28 -9.12 4.25
C LYS B 42 4.45 -8.43 4.94
N ALA B 43 5.05 -9.08 5.93
CA ALA B 43 6.18 -8.54 6.68
C ALA B 43 7.47 -8.75 5.89
N PRO B 44 8.51 -7.89 6.09
CA PRO B 44 9.81 -8.11 5.48
C PRO B 44 10.42 -9.43 5.91
N LYS B 45 11.24 -10.02 5.07
CA LYS B 45 11.97 -11.28 5.26
C LYS B 45 13.44 -11.05 4.91
N LEU B 46 14.33 -11.41 5.81
CA LEU B 46 15.77 -11.39 5.54
C LEU B 46 16.10 -12.47 4.51
N LEU B 47 16.77 -12.11 3.42
CA LEU B 47 17.26 -13.11 2.44
C LEU B 47 18.79 -13.31 2.52
N ILE B 48 19.51 -12.19 2.59
CA ILE B 48 20.99 -12.20 2.52
C ILE B 48 21.52 -11.35 3.66
N TYR B 49 22.48 -11.90 4.42
CA TYR B 49 23.13 -11.10 5.47
C TYR B 49 24.62 -11.02 5.15
N ASP B 50 25.24 -10.02 5.71
CA ASP B 50 26.70 -9.81 5.58
C ASP B 50 27.08 -9.97 4.09
N THR B 51 26.46 -9.16 3.24
CA THR B 51 26.75 -8.97 1.80
C THR B 51 26.30 -10.16 0.97
N SER B 52 26.68 -11.38 1.30
CA SER B 52 26.59 -12.52 0.37
C SER B 52 26.07 -13.80 1.01
N ASN B 53 25.76 -13.82 2.31
CA ASN B 53 25.37 -15.08 2.98
C ASN B 53 23.88 -15.28 2.91
N LEU B 54 23.46 -16.42 2.39
CA LEU B 54 22.04 -16.78 2.29
C LEU B 54 21.52 -17.20 3.64
N LYS B 55 20.45 -16.61 4.10
CA LYS B 55 19.71 -17.12 5.29
C LYS B 55 19.29 -18.56 5.03
N THR B 56 19.41 -19.41 6.08
CA THR B 56 19.04 -20.84 5.97
C THR B 56 17.65 -20.95 5.33
N GLY B 57 17.55 -21.77 4.27
CA GLY B 57 16.26 -22.05 3.62
C GLY B 57 15.96 -21.14 2.44
N VAL B 58 16.70 -20.05 2.25
CA VAL B 58 16.45 -19.16 1.10
C VAL B 58 16.95 -19.87 -0.17
N PRO B 59 16.19 -19.83 -1.27
CA PRO B 59 16.64 -20.47 -2.51
C PRO B 59 17.98 -19.96 -3.07
N SER B 60 18.74 -20.90 -3.64
CA SER B 60 20.05 -20.74 -4.32
C SER B 60 20.03 -19.63 -5.38
N ARG B 61 18.88 -19.33 -6.00
CA ARG B 61 18.84 -18.31 -7.06
C ARG B 61 19.10 -16.90 -6.53
N PHE B 62 19.05 -16.69 -5.23
CA PHE B 62 19.38 -15.37 -4.67
C PHE B 62 20.86 -15.32 -4.30
N SER B 63 21.50 -14.19 -4.64
CA SER B 63 22.90 -14.01 -4.21
C SER B 63 23.18 -12.54 -4.02
N GLY B 64 24.34 -12.23 -3.40
CA GLY B 64 24.76 -10.85 -3.27
C GLY B 64 26.27 -10.70 -3.33
N SER B 65 26.73 -9.52 -3.69
CA SER B 65 28.17 -9.22 -3.72
C SER B 65 28.39 -7.75 -3.45
N GLY B 66 29.65 -7.38 -3.24
CA GLY B 66 30.03 -6.01 -3.06
C GLY B 66 30.99 -5.81 -1.88
N SER B 67 31.35 -4.56 -1.75
CA SER B 67 32.19 -4.10 -0.62
C SER B 67 32.30 -2.58 -0.75
N GLY B 68 32.81 -1.92 0.28
CA GLY B 68 32.97 -0.47 0.27
C GLY B 68 31.61 0.18 0.40
N THR B 69 31.15 0.85 -0.62
CA THR B 69 29.80 1.42 -0.64
C THR B 69 28.87 0.75 -1.66
N ASP B 70 29.36 -0.17 -2.47
CA ASP B 70 28.59 -0.61 -3.67
C ASP B 70 28.28 -2.09 -3.56
N PHE B 71 26.97 -2.39 -3.61
CA PHE B 71 26.46 -3.73 -3.40
C PHE B 71 25.42 -4.11 -4.45
N THR B 72 25.41 -5.38 -4.76
CA THR B 72 24.49 -5.91 -5.82
C THR B 72 23.80 -7.15 -5.31
N PHE B 73 22.48 -7.19 -5.49
CA PHE B 73 21.60 -8.32 -5.20
C PHE B 73 21.14 -8.91 -6.55
N THR B 74 21.26 -10.21 -6.69
CA THR B 74 20.91 -10.90 -7.94
C THR B 74 19.89 -12.01 -7.70
N ILE B 75 18.92 -12.09 -8.63
CA ILE B 75 18.04 -13.28 -8.74
C ILE B 75 18.44 -13.93 -10.07
N SER B 76 19.01 -15.11 -10.02
CA SER B 76 19.55 -15.73 -11.26
C SER B 76 18.47 -16.02 -12.32
N SER B 77 17.30 -16.39 -11.86
CA SER B 77 16.14 -16.80 -12.68
C SER B 77 14.85 -16.42 -11.92
N LEU B 78 14.23 -15.34 -12.32
CA LEU B 78 13.05 -14.82 -11.56
C LEU B 78 11.91 -15.83 -11.59
N GLN B 79 11.33 -16.10 -10.43
CA GLN B 79 10.14 -16.99 -10.27
C GLN B 79 8.94 -16.15 -9.90
N PRO B 80 7.68 -16.63 -10.14
CA PRO B 80 6.49 -15.82 -9.90
C PRO B 80 6.36 -15.36 -8.45
N GLU B 81 6.81 -16.17 -7.54
CA GLU B 81 6.76 -15.89 -6.09
C GLU B 81 7.79 -14.83 -5.68
N ASP B 82 8.64 -14.35 -6.59
CA ASP B 82 9.71 -13.39 -6.23
C ASP B 82 9.22 -11.98 -6.46
N ILE B 83 8.01 -11.74 -6.93
CA ILE B 83 7.47 -10.40 -7.14
C ILE B 83 7.31 -9.74 -5.77
N ALA B 84 7.97 -8.64 -5.54
CA ALA B 84 8.19 -8.09 -4.19
C ALA B 84 8.93 -6.79 -4.32
N THR B 85 9.10 -6.08 -3.23
CA THR B 85 10.04 -4.96 -3.09
C THR B 85 11.24 -5.45 -2.29
N TYR B 86 12.45 -5.13 -2.78
CA TYR B 86 13.70 -5.56 -2.13
C TYR B 86 14.42 -4.34 -1.57
N TYR B 87 14.90 -4.49 -0.33
CA TYR B 87 15.56 -3.37 0.41
C TYR B 87 16.94 -3.85 0.83
N CYS B 88 17.92 -2.96 0.63
CA CYS B 88 19.20 -3.13 1.33
C CYS B 88 19.12 -2.40 2.69
N GLN B 89 20.07 -2.70 3.53
CA GLN B 89 20.04 -2.22 4.96
C GLN B 89 21.50 -2.20 5.46
N GLN B 90 21.86 -1.05 6.05
CA GLN B 90 23.19 -0.81 6.67
C GLN B 90 22.97 -0.52 8.15
N TYR B 91 24.07 -0.58 8.90
CA TYR B 91 24.13 -0.16 10.31
C TYR B 91 25.39 0.70 10.44
N GLU B 92 25.15 1.99 10.47
CA GLU B 92 26.23 3.01 10.40
C GLU B 92 25.85 4.12 11.33
N ASN B 93 26.84 4.76 11.96
CA ASN B 93 26.55 5.91 12.85
C ASN B 93 25.55 5.53 13.94
N LEU B 94 25.61 4.27 14.38
CA LEU B 94 24.74 3.73 15.48
C LEU B 94 23.28 3.67 15.07
N GLN B 95 22.97 3.73 13.79
CA GLN B 95 21.57 3.60 13.32
C GLN B 95 21.47 2.51 12.27
N PHE B 96 20.40 1.69 12.31
CA PHE B 96 20.00 0.92 11.13
C PHE B 96 19.35 1.86 10.12
N THR B 97 19.66 1.71 8.84
CA THR B 97 18.96 2.44 7.78
C THR B 97 18.63 1.48 6.67
N PHE B 98 17.37 1.48 6.26
CA PHE B 98 16.93 0.78 5.05
C PHE B 98 17.03 1.66 3.83
N GLY B 99 17.47 1.08 2.72
CA GLY B 99 17.44 1.79 1.44
C GLY B 99 16.02 2.07 0.99
N PRO B 100 15.87 2.81 -0.14
CA PRO B 100 14.56 3.22 -0.62
C PRO B 100 13.75 2.11 -1.25
N GLY B 101 14.35 0.98 -1.58
CA GLY B 101 13.66 -0.19 -2.13
C GLY B 101 13.60 -0.22 -3.66
N THR B 102 13.49 -1.42 -4.15
CA THR B 102 13.36 -1.67 -5.63
C THR B 102 12.17 -2.61 -5.80
N LYS B 103 11.16 -2.12 -6.55
CA LYS B 103 9.94 -2.94 -6.79
C LYS B 103 10.11 -3.74 -8.07
N VAL B 104 9.90 -5.02 -7.99
CA VAL B 104 10.00 -5.97 -9.14
C VAL B 104 8.59 -6.42 -9.50
N ASP B 105 8.20 -6.28 -10.75
CA ASP B 105 6.96 -6.89 -11.26
C ASP B 105 7.24 -7.75 -12.50
N ILE B 106 6.21 -8.43 -12.95
CA ILE B 106 6.30 -9.31 -14.14
C ILE B 106 6.14 -8.49 -15.40
N LYS B 107 7.04 -8.65 -16.34
CA LYS B 107 6.94 -8.16 -17.70
C LYS B 107 6.02 -9.06 -18.52
N ARG B 108 5.04 -8.43 -19.14
CA ARG B 108 4.14 -9.10 -20.09
C ARG B 108 4.00 -8.17 -21.30
N THR B 109 3.24 -8.62 -22.30
CA THR B 109 2.98 -7.76 -23.45
C THR B 109 2.19 -6.51 -23.04
N VAL B 110 2.33 -5.48 -23.83
CA VAL B 110 1.55 -4.24 -23.61
C VAL B 110 0.07 -4.54 -23.76
N ALA B 111 -0.72 -4.03 -22.81
CA ALA B 111 -2.19 -4.05 -22.86
C ALA B 111 -2.70 -2.66 -22.59
N ALA B 112 -3.39 -2.08 -23.55
CA ALA B 112 -4.03 -0.76 -23.35
C ALA B 112 -5.18 -0.89 -22.37
N PRO B 113 -5.42 0.12 -21.54
CA PRO B 113 -6.59 0.10 -20.65
C PRO B 113 -7.90 0.22 -21.40
N SER B 114 -8.89 -0.45 -20.85
CA SER B 114 -10.31 -0.15 -21.15
CA SER B 114 -10.31 -0.13 -21.19
C SER B 114 -10.75 0.93 -20.17
N VAL B 115 -11.34 2.00 -20.64
CA VAL B 115 -11.65 3.20 -19.83
C VAL B 115 -13.16 3.35 -19.70
N PHE B 116 -13.59 3.72 -18.50
CA PHE B 116 -15.01 3.93 -18.17
C PHE B 116 -15.11 5.14 -17.28
N ILE B 117 -16.08 5.98 -17.53
CA ILE B 117 -16.40 7.14 -16.67
C ILE B 117 -17.78 6.93 -16.02
N PHE B 118 -17.89 7.36 -14.77
CA PHE B 118 -19.14 7.21 -13.99
C PHE B 118 -19.53 8.56 -13.41
N PRO B 119 -20.70 9.10 -13.76
CA PRO B 119 -21.15 10.33 -13.18
C PRO B 119 -21.51 10.15 -11.70
N PRO B 120 -21.60 11.25 -10.94
CA PRO B 120 -22.16 11.15 -9.60
C PRO B 120 -23.61 10.67 -9.64
N SER B 121 -23.95 9.89 -8.62
CA SER B 121 -25.36 9.44 -8.45
C SER B 121 -26.22 10.58 -7.92
N ASP B 122 -27.52 10.51 -8.24
CA ASP B 122 -28.48 11.49 -7.67
C ASP B 122 -28.54 11.32 -6.16
N GLU B 123 -28.41 10.10 -5.64
CA GLU B 123 -28.44 9.92 -4.17
CA GLU B 123 -28.36 9.83 -4.18
C GLU B 123 -27.24 10.64 -3.55
N GLN B 124 -26.04 10.59 -4.15
CA GLN B 124 -24.94 11.39 -3.58
C GLN B 124 -25.18 12.91 -3.65
N LEU B 125 -25.68 13.35 -4.80
CA LEU B 125 -25.86 14.82 -4.98
C LEU B 125 -26.82 15.40 -3.94
N LYS B 126 -27.81 14.62 -3.48
CA LYS B 126 -28.70 15.10 -2.39
C LYS B 126 -27.92 15.59 -1.17
N SER B 127 -26.73 15.06 -0.88
CA SER B 127 -25.92 15.36 0.34
C SER B 127 -24.93 16.50 0.11
N GLY B 128 -24.86 17.09 -1.09
CA GLY B 128 -24.05 18.29 -1.34
C GLY B 128 -22.69 18.10 -1.99
N THR B 129 -22.32 16.86 -2.34
CA THR B 129 -21.01 16.54 -2.98
C THR B 129 -21.23 15.68 -4.21
N ALA B 130 -20.30 15.82 -5.17
CA ALA B 130 -20.29 15.07 -6.42
C ALA B 130 -18.94 14.36 -6.52
N SER B 131 -18.95 13.06 -6.70
CA SER B 131 -17.74 12.29 -7.01
C SER B 131 -17.89 11.76 -8.43
N VAL B 132 -16.90 12.02 -9.27
CA VAL B 132 -16.85 11.49 -10.65
C VAL B 132 -15.75 10.45 -10.68
N VAL B 133 -16.01 9.27 -11.20
CA VAL B 133 -15.01 8.19 -11.15
C VAL B 133 -14.58 7.79 -12.55
N CYS B 134 -13.30 7.59 -12.74
CA CYS B 134 -12.73 7.06 -13.99
C CYS B 134 -12.00 5.78 -13.67
N LEU B 135 -12.32 4.72 -14.40
CA LEU B 135 -11.73 3.40 -14.27
C LEU B 135 -10.87 3.12 -15.48
N LEU B 136 -9.65 2.66 -15.21
CA LEU B 136 -8.69 2.17 -16.26
C LEU B 136 -8.52 0.70 -15.95
N ASN B 137 -9.04 -0.17 -16.80
CA ASN B 137 -9.09 -1.60 -16.47
C ASN B 137 -8.08 -2.42 -17.26
N ASN B 138 -7.37 -3.26 -16.54
CA ASN B 138 -6.54 -4.38 -17.08
C ASN B 138 -5.51 -3.90 -18.12
N PHE B 139 -4.56 -3.10 -17.66
CA PHE B 139 -3.53 -2.53 -18.53
C PHE B 139 -2.14 -2.93 -18.06
N TYR B 140 -1.17 -2.81 -18.99
CA TYR B 140 0.24 -3.09 -18.70
C TYR B 140 1.06 -2.34 -19.72
N PRO B 141 2.17 -1.65 -19.35
CA PRO B 141 2.76 -1.57 -18.01
C PRO B 141 1.97 -0.64 -17.08
N ARG B 142 2.50 -0.51 -15.88
CA ARG B 142 1.86 0.24 -14.77
CA ARG B 142 1.78 0.22 -14.80
C ARG B 142 1.68 1.72 -15.12
N GLU B 143 2.60 2.30 -15.86
CA GLU B 143 2.63 3.75 -16.07
C GLU B 143 1.40 4.16 -16.87
N ALA B 144 0.61 5.10 -16.34
CA ALA B 144 -0.61 5.59 -17.01
C ALA B 144 -0.88 6.95 -16.44
N LYS B 145 -1.46 7.81 -17.24
CA LYS B 145 -1.81 9.16 -16.76
C LYS B 145 -3.30 9.41 -16.97
N VAL B 146 -3.94 9.93 -15.92
CA VAL B 146 -5.33 10.43 -16.01
C VAL B 146 -5.33 11.94 -15.93
N GLN B 147 -6.03 12.60 -16.84
CA GLN B 147 -6.25 14.07 -16.76
CA GLN B 147 -6.25 14.07 -16.81
C GLN B 147 -7.75 14.30 -16.73
N TRP B 148 -8.21 14.99 -15.71
CA TRP B 148 -9.61 15.40 -15.58
C TRP B 148 -9.80 16.76 -16.21
N LYS B 149 -10.87 16.94 -16.99
CA LYS B 149 -11.25 18.25 -17.53
C LYS B 149 -12.71 18.52 -17.28
N VAL B 150 -13.03 19.73 -16.92
CA VAL B 150 -14.41 20.20 -16.66
C VAL B 150 -14.64 21.42 -17.56
N ASP B 151 -15.51 21.30 -18.55
CA ASP B 151 -15.67 22.41 -19.57
C ASP B 151 -14.31 22.84 -20.09
N ASN B 152 -13.47 21.88 -20.37
CA ASN B 152 -12.13 22.13 -20.94
C ASN B 152 -11.13 22.77 -19.97
N ALA B 153 -11.43 22.89 -18.67
CA ALA B 153 -10.48 23.33 -17.65
C ALA B 153 -9.79 22.12 -17.04
N LEU B 154 -8.48 22.03 -17.13
CA LEU B 154 -7.71 20.96 -16.48
C LEU B 154 -7.81 21.05 -14.97
N GLN B 155 -8.17 19.95 -14.31
CA GLN B 155 -8.37 19.91 -12.85
C GLN B 155 -7.13 19.35 -12.19
N SER B 156 -6.64 20.04 -11.19
CA SER B 156 -5.45 19.64 -10.47
C SER B 156 -5.65 19.84 -8.97
N GLY B 157 -5.32 18.83 -8.16
CA GLY B 157 -5.38 18.97 -6.70
C GLY B 157 -6.68 18.46 -6.11
N ASN B 158 -7.68 18.12 -6.95
CA ASN B 158 -9.06 17.76 -6.52
C ASN B 158 -9.40 16.33 -6.97
N SER B 159 -8.42 15.51 -7.23
CA SER B 159 -8.60 14.08 -7.55
C SER B 159 -7.66 13.25 -6.73
N GLN B 160 -8.03 11.99 -6.52
CA GLN B 160 -7.13 10.98 -5.95
C GLN B 160 -7.27 9.69 -6.73
N GLU B 161 -6.23 8.90 -6.76
CA GLU B 161 -6.26 7.63 -7.47
C GLU B 161 -5.58 6.55 -6.63
N SER B 162 -5.93 5.31 -6.95
CA SER B 162 -5.18 4.14 -6.48
C SER B 162 -5.19 3.04 -7.53
N VAL B 163 -4.31 2.08 -7.33
CA VAL B 163 -3.98 1.05 -8.31
C VAL B 163 -3.97 -0.28 -7.62
N THR B 164 -4.45 -1.29 -8.27
CA THR B 164 -4.40 -2.66 -7.74
C THR B 164 -2.99 -3.22 -7.81
N GLU B 165 -2.76 -4.28 -7.04
CA GLU B 165 -1.55 -5.10 -7.24
C GLU B 165 -1.64 -5.79 -8.59
N GLN B 166 -0.47 -6.12 -9.12
CA GLN B 166 -0.42 -6.87 -10.37
C GLN B 166 -1.27 -8.13 -10.30
N ASP B 167 -2.13 -8.37 -11.26
CA ASP B 167 -2.98 -9.58 -11.24
C ASP B 167 -2.13 -10.85 -11.34
N SER B 168 -2.44 -11.82 -10.48
CA SER B 168 -1.61 -13.05 -10.40
C SER B 168 -1.72 -13.88 -11.67
N LYS B 169 -2.83 -13.77 -12.41
CA LYS B 169 -3.10 -14.62 -13.59
C LYS B 169 -2.78 -13.89 -14.90
N ASP B 170 -3.19 -12.63 -15.07
CA ASP B 170 -2.97 -11.93 -16.37
C ASP B 170 -1.89 -10.84 -16.31
N SER B 171 -1.30 -10.59 -15.15
CA SER B 171 -0.16 -9.68 -14.95
C SER B 171 -0.52 -8.22 -15.28
N THR B 172 -1.82 -7.85 -15.27
CA THR B 172 -2.23 -6.45 -15.52
C THR B 172 -2.48 -5.67 -14.22
N TYR B 173 -2.65 -4.40 -14.37
CA TYR B 173 -3.06 -3.45 -13.33
C TYR B 173 -4.40 -2.85 -13.71
N SER B 174 -5.10 -2.35 -12.68
CA SER B 174 -6.26 -1.46 -12.89
C SER B 174 -6.10 -0.25 -11.98
N LEU B 175 -6.74 0.85 -12.36
CA LEU B 175 -6.58 2.15 -11.66
C LEU B 175 -7.95 2.81 -11.58
N SER B 176 -8.26 3.39 -10.41
CA SER B 176 -9.49 4.15 -10.18
C SER B 176 -9.09 5.54 -9.78
N SER B 177 -9.64 6.55 -10.44
CA SER B 177 -9.43 7.96 -10.05
C SER B 177 -10.76 8.60 -9.73
N THR B 178 -10.82 9.38 -8.68
CA THR B 178 -12.05 10.08 -8.27
C THR B 178 -11.77 11.56 -8.30
N LEU B 179 -12.58 12.31 -9.00
CA LEU B 179 -12.62 13.78 -8.99
C LEU B 179 -13.75 14.20 -8.05
N THR B 180 -13.45 15.04 -7.07
CA THR B 180 -14.50 15.46 -6.09
C THR B 180 -14.72 16.96 -6.21
N LEU B 181 -15.97 17.35 -6.31
CA LEU B 181 -16.42 18.78 -6.40
CA LEU B 181 -16.32 18.78 -6.23
C LEU B 181 -17.62 18.95 -5.47
N SER B 182 -17.89 20.18 -5.07
CA SER B 182 -19.16 20.46 -4.39
C SER B 182 -20.31 20.26 -5.38
N LYS B 183 -21.51 19.97 -4.92
CA LYS B 183 -22.72 19.97 -5.80
C LYS B 183 -22.83 21.33 -6.50
N ALA B 184 -22.61 22.41 -5.76
CA ALA B 184 -22.80 23.75 -6.34
C ALA B 184 -21.87 23.91 -7.53
N ASP B 185 -20.58 23.55 -7.39
CA ASP B 185 -19.61 23.65 -8.49
C ASP B 185 -20.03 22.70 -9.59
N TYR B 186 -20.42 21.46 -9.24
CA TYR B 186 -20.79 20.47 -10.25
C TYR B 186 -21.89 21.01 -11.20
N GLU B 187 -22.86 21.70 -10.59
CA GLU B 187 -24.05 22.19 -11.36
C GLU B 187 -23.73 23.45 -12.14
N LYS B 188 -22.51 23.99 -12.07
CA LYS B 188 -22.14 25.19 -12.87
C LYS B 188 -21.48 24.79 -14.18
N HIS B 189 -21.27 23.49 -14.43
CA HIS B 189 -20.48 23.05 -15.59
C HIS B 189 -21.17 21.88 -16.28
N LYS B 190 -20.86 21.69 -17.57
CA LYS B 190 -21.56 20.73 -18.44
C LYS B 190 -20.70 19.50 -18.70
N VAL B 191 -19.54 19.66 -19.29
CA VAL B 191 -18.78 18.53 -19.83
C VAL B 191 -17.75 18.03 -18.83
N TYR B 192 -17.88 16.77 -18.41
CA TYR B 192 -16.92 16.13 -17.50
C TYR B 192 -16.18 15.06 -18.28
N ALA B 193 -14.85 15.09 -18.26
CA ALA B 193 -14.04 14.24 -19.15
C ALA B 193 -12.85 13.70 -18.42
N CYS B 194 -12.56 12.44 -18.64
CA CYS B 194 -11.36 11.73 -18.18
CA CYS B 194 -11.27 11.88 -18.19
C CYS B 194 -10.52 11.41 -19.43
N GLU B 195 -9.32 11.90 -19.52
CA GLU B 195 -8.43 11.59 -20.66
C GLU B 195 -7.31 10.71 -20.15
N VAL B 196 -7.11 9.58 -20.79
CA VAL B 196 -6.13 8.56 -20.39
C VAL B 196 -5.03 8.48 -21.44
N THR B 197 -3.81 8.55 -20.95
CA THR B 197 -2.57 8.40 -21.76
C THR B 197 -1.89 7.12 -21.31
N HIS B 198 -1.57 6.23 -22.25
CA HIS B 198 -0.85 4.98 -21.98
C HIS B 198 -0.11 4.60 -23.26
N GLN B 199 1.02 3.93 -23.07
CA GLN B 199 1.87 3.60 -24.23
C GLN B 199 1.18 2.63 -25.19
N GLY B 200 0.19 1.86 -24.78
CA GLY B 200 -0.55 1.01 -25.68
C GLY B 200 -1.59 1.72 -26.51
N LEU B 201 -1.92 2.95 -26.21
CA LEU B 201 -2.93 3.73 -26.96
C LEU B 201 -2.20 4.57 -28.02
N SER B 202 -2.70 4.49 -29.25
CA SER B 202 -2.05 5.31 -30.31
CA SER B 202 -2.17 5.30 -30.38
C SER B 202 -2.30 6.79 -30.01
N SER B 203 -3.48 7.13 -29.51
CA SER B 203 -3.80 8.50 -29.07
C SER B 203 -4.48 8.39 -27.72
N PRO B 204 -4.37 9.40 -26.86
CA PRO B 204 -5.15 9.34 -25.61
C PRO B 204 -6.64 9.12 -25.85
N VAL B 205 -7.22 8.36 -24.92
CA VAL B 205 -8.67 8.03 -24.98
C VAL B 205 -9.34 8.97 -23.99
N THR B 206 -10.43 9.60 -24.41
CA THR B 206 -11.25 10.45 -23.55
C THR B 206 -12.62 9.80 -23.41
N LYS B 207 -13.08 9.63 -22.17
CA LYS B 207 -14.47 9.27 -21.84
C LYS B 207 -15.08 10.47 -21.18
N SER B 208 -16.28 10.84 -21.58
CA SER B 208 -16.93 12.04 -21.05
CA SER B 208 -16.94 12.10 -21.18
C SER B 208 -18.42 11.87 -20.94
N PHE B 209 -19.03 12.76 -20.18
CA PHE B 209 -20.51 12.87 -20.17
C PHE B 209 -20.85 14.33 -20.01
N ASN B 210 -22.09 14.64 -20.41
CA ASN B 210 -22.71 15.94 -20.15
C ASN B 210 -23.62 15.83 -18.95
N ARG B 211 -23.42 16.68 -17.96
CA ARG B 211 -24.24 16.66 -16.74
C ARG B 211 -25.74 16.65 -17.04
N GLY B 212 -26.44 15.69 -16.44
CA GLY B 212 -27.92 15.57 -16.48
C GLY B 212 -28.39 14.63 -17.57
N GLU B 213 -27.56 14.31 -18.57
CA GLU B 213 -27.97 13.40 -19.64
C GLU B 213 -27.99 11.94 -19.16
N CYS B 214 -28.86 11.15 -19.76
CA CYS B 214 -29.02 9.71 -19.46
C CYS B 214 -27.73 8.96 -19.80
C1 GOL C . 23.09 -2.28 19.21
O1 GOL C . 24.44 -2.25 19.68
C2 GOL C . 22.28 -3.33 19.96
O2 GOL C . 22.49 -3.18 21.36
C3 GOL C . 22.56 -4.75 19.54
O3 GOL C . 21.76 -5.70 20.29
C1 GOL D . -9.95 6.46 -5.96
O1 GOL D . -11.01 6.22 -6.92
C2 GOL D . -10.04 5.50 -4.76
O2 GOL D . -11.00 5.96 -3.78
C3 GOL D . -10.32 4.04 -5.11
O3 GOL D . -10.39 3.21 -3.94
C1 GOL E . -25.38 -9.59 3.86
O1 GOL E . -24.39 -9.06 3.00
C2 GOL E . -24.78 -9.83 5.21
O2 GOL E . -25.71 -10.38 6.14
C3 GOL E . -23.54 -10.68 5.20
O3 GOL E . -22.70 -10.22 6.25
C1 GOL F . 31.78 -0.30 14.13
O1 GOL F . 31.68 0.72 13.14
C2 GOL F . 30.87 -1.47 13.83
O2 GOL F . 29.46 -1.14 13.89
C3 GOL F . 31.19 -2.58 14.81
O3 GOL F . 30.89 -2.23 16.16
C1 GOL G . 11.47 -16.54 -3.08
O1 GOL G . 10.65 -15.38 -3.17
C2 GOL G . 11.75 -17.10 -1.70
O2 GOL G . 10.69 -17.97 -1.31
C3 GOL G . 12.06 -16.08 -0.64
O3 GOL G . 10.91 -15.71 0.12
C1 IPA H . -4.98 2.52 -29.74
C2 IPA H . -5.35 1.06 -29.79
C3 IPA H . -5.53 0.41 -28.45
O2 IPA H . -4.34 0.38 -30.57
#